data_3RC8
#
_entry.id   3RC8
#
_cell.length_a   94.430
_cell.length_b   94.430
_cell.length_c   88.030
_cell.angle_alpha   90.00
_cell.angle_beta   90.00
_cell.angle_gamma   120.00
#
_symmetry.space_group_name_H-M   'P 32'
#
loop_
_entity.id
_entity.type
_entity.pdbx_description
1 polymer 'ATP-dependent RNA helicase SUPV3L1, mitochondrial'
2 polymer 'RNA fragment'
#
loop_
_entity_poly.entity_id
_entity_poly.type
_entity_poly.pdbx_seq_one_letter_code
_entity_poly.pdbx_strand_id
1 'polypeptide(L)'
;GTASSSASGGSKIPNTSLFVPLTVKPQGPSADGDVGAELTRPLDKNEVKKVLDKFYKRKEIQKLGADYGLDARLFHQAFI
SFRNYIMQSHSLDVDIHIVLNDICFGAAHADDLFPFFLRHAKQIFPVLDCKDDLRKISDLRIPPNWYPDARAMQRKIIFH
SGPTNSGKTYHAIQKYFSAKSGVYCGPLKLLAHEIFEKSNAAGVPCDLVTGEERVTVQPNGKQASHVSCTVEMCSVTTPY
EVAVIDEIQMIRDPARGWAWTRALLGLCAEEVHLCGEPAAIDLVMELMYTTGEEVEVRDYKRLTPISVLDHALESLDNLR
PGDCIVCFSKNDIYSVSRQIEIRGLESAVIYGSLPPGTKLAQAKKFNDPNDPCKILVATDAIGMGLNLSIRRIIFYSLIK
PSINEKGERELEPITTSQALQIAGRAGRFSSRFKEGEVTTMNHEDLSLLKEILKRPVDPIRAAGLHPTAEQIEMFAYHLP
DATLSNLIDIFVDFSQVDGQYFVCNMDDFKFSAELIQHIPLSLRVRYVFCTAPINKKQPFVCSSLLQFARQYSRNEPLTF
AWLRRYIKWPLLPPKNIKDLMDLEAVHDVLDLYLWLSYRFMDMFPDASLIRDLQKELDGIIQDGVHNITKLIKMSETHKL
LNLEGFPSGSQSRLSGTLKSQARRTRGTKALGSKATE
;
A
2 'polyribonucleotide' CCGCCC E
#
# COMPACT_ATOMS: atom_id res chain seq x y z
N ILE A 13 -5.22 -6.73 -26.05
CA ILE A 13 -4.01 -7.15 -26.84
C ILE A 13 -2.72 -7.00 -26.02
N PRO A 14 -2.01 -8.12 -25.77
CA PRO A 14 -0.83 -8.13 -24.86
C PRO A 14 0.17 -7.05 -25.20
N ASN A 15 0.62 -6.30 -24.21
CA ASN A 15 1.61 -5.30 -24.50
C ASN A 15 2.98 -5.94 -24.61
N THR A 16 3.41 -6.14 -25.84
CA THR A 16 4.64 -6.86 -26.13
C THR A 16 5.95 -6.22 -25.60
N SER A 17 5.92 -4.93 -25.25
CA SER A 17 7.05 -4.23 -24.61
C SER A 17 7.39 -4.73 -23.24
N LEU A 18 6.56 -5.60 -22.68
CA LEU A 18 6.79 -6.09 -21.33
C LEU A 18 7.57 -7.36 -21.36
N PHE A 19 7.75 -7.89 -22.56
CA PHE A 19 8.41 -9.18 -22.69
C PHE A 19 9.90 -8.91 -22.83
N VAL A 20 10.66 -9.14 -21.77
CA VAL A 20 12.11 -9.03 -21.88
C VAL A 20 12.64 -10.25 -22.65
N PRO A 21 13.35 -10.03 -23.79
CA PRO A 21 14.06 -11.08 -24.58
C PRO A 21 14.95 -12.00 -23.74
N LEU A 22 14.93 -13.29 -24.05
CA LEU A 22 15.90 -14.21 -23.45
C LEU A 22 16.98 -14.48 -24.49
N THR A 23 18.22 -14.61 -24.06
CA THR A 23 19.32 -14.87 -24.96
C THR A 23 19.27 -16.33 -25.32
N VAL A 24 19.13 -16.61 -26.60
CA VAL A 24 19.33 -17.96 -27.12
C VAL A 24 20.67 -17.94 -27.82
N LYS A 25 21.76 -18.16 -27.11
CA LYS A 25 23.10 -18.16 -27.73
C LYS A 25 23.29 -19.28 -28.76
N PRO A 26 24.20 -19.05 -29.74
CA PRO A 26 24.63 -20.09 -30.70
C PRO A 26 25.48 -21.17 -30.03
N GLN A 27 25.54 -22.35 -30.64
CA GLN A 27 26.16 -23.54 -30.01
C GLN A 27 27.49 -23.98 -30.65
N GLY A 28 28.45 -24.41 -29.81
CA GLY A 28 29.83 -24.74 -30.29
C GLY A 28 30.04 -26.22 -30.71
N PRO A 29 31.32 -26.66 -30.67
CA PRO A 29 31.80 -27.97 -31.17
C PRO A 29 30.83 -29.17 -31.03
N SER A 30 30.27 -29.62 -32.17
CA SER A 30 29.53 -30.91 -32.26
C SER A 30 29.65 -31.50 -33.67
N PRO A 42 26.44 -29.06 -47.02
CA PRO A 42 27.66 -28.32 -47.32
C PRO A 42 27.86 -27.08 -46.41
N LEU A 43 26.94 -26.11 -46.51
CA LEU A 43 26.72 -24.90 -45.62
C LEU A 43 27.26 -23.49 -46.05
N ASP A 44 26.65 -22.86 -47.05
CA ASP A 44 27.21 -21.60 -47.63
C ASP A 44 26.54 -20.34 -47.09
N LYS A 45 27.32 -19.43 -46.51
CA LYS A 45 26.71 -18.34 -45.74
C LYS A 45 26.22 -17.11 -46.51
N ASN A 46 26.97 -16.70 -47.55
CA ASN A 46 26.54 -15.57 -48.37
C ASN A 46 25.20 -15.80 -49.06
N GLU A 47 24.82 -17.07 -49.18
CA GLU A 47 23.55 -17.43 -49.75
C GLU A 47 22.43 -17.26 -48.75
N VAL A 48 22.55 -18.02 -47.66
CA VAL A 48 21.66 -17.93 -46.53
C VAL A 48 21.29 -16.47 -46.19
N LYS A 49 22.28 -15.58 -46.20
CA LYS A 49 22.01 -14.17 -45.93
C LYS A 49 20.89 -13.63 -46.82
N LYS A 50 21.00 -13.87 -48.12
CA LYS A 50 20.01 -13.39 -49.09
C LYS A 50 18.62 -13.94 -48.76
N VAL A 51 18.56 -15.23 -48.44
CA VAL A 51 17.30 -15.93 -48.04
C VAL A 51 16.67 -15.33 -46.79
N LEU A 52 17.50 -15.08 -45.78
CA LEU A 52 17.07 -14.52 -44.51
C LEU A 52 16.49 -13.13 -44.68
N ASP A 53 17.14 -12.34 -45.55
CA ASP A 53 16.79 -10.93 -45.74
C ASP A 53 15.50 -10.77 -46.50
N LYS A 54 15.18 -11.79 -47.30
CA LYS A 54 13.91 -11.85 -48.03
C LYS A 54 12.89 -12.38 -47.08
N PHE A 55 13.33 -13.35 -46.28
CA PHE A 55 12.51 -13.89 -45.23
C PHE A 55 11.97 -12.75 -44.39
N TYR A 56 12.87 -11.82 -44.01
CA TYR A 56 12.53 -10.60 -43.29
C TYR A 56 11.49 -9.71 -44.02
N LYS A 57 11.54 -9.65 -45.35
CA LYS A 57 10.70 -8.70 -46.14
C LYS A 57 9.32 -9.15 -46.66
N ARG A 58 9.11 -10.46 -46.82
CA ARG A 58 7.84 -10.98 -47.38
C ARG A 58 6.64 -10.58 -46.54
N LYS A 59 5.79 -9.69 -47.05
CA LYS A 59 4.64 -9.25 -46.28
C LYS A 59 3.80 -10.41 -45.70
N GLU A 60 3.87 -11.59 -46.33
CA GLU A 60 3.20 -12.80 -45.81
C GLU A 60 3.87 -13.42 -44.58
N ILE A 61 5.21 -13.44 -44.55
CA ILE A 61 5.94 -13.95 -43.37
C ILE A 61 5.59 -13.10 -42.15
N GLN A 62 5.75 -11.79 -42.30
CA GLN A 62 5.26 -10.85 -41.32
C GLN A 62 3.82 -11.15 -41.00
N LYS A 63 2.92 -11.19 -41.97
CA LYS A 63 1.54 -11.50 -41.62
C LYS A 63 1.38 -12.89 -40.95
N LEU A 64 2.25 -13.84 -41.30
CA LEU A 64 2.21 -15.15 -40.62
C LEU A 64 2.62 -14.95 -39.16
N GLY A 65 3.89 -14.61 -38.91
CA GLY A 65 4.32 -14.25 -37.57
C GLY A 65 3.21 -13.59 -36.78
N ALA A 66 2.53 -12.61 -37.37
CA ALA A 66 1.46 -11.88 -36.68
C ALA A 66 0.38 -12.81 -36.15
N ASP A 67 0.03 -13.82 -36.95
CA ASP A 67 -0.85 -14.91 -36.53
C ASP A 67 -0.45 -15.60 -35.23
N TYR A 68 0.84 -15.87 -35.07
CA TYR A 68 1.34 -16.50 -33.82
C TYR A 68 1.66 -15.50 -32.68
N GLY A 69 1.22 -14.27 -32.84
CA GLY A 69 1.36 -13.28 -31.79
C GLY A 69 2.71 -12.59 -31.79
N LEU A 70 3.49 -12.77 -32.86
CA LEU A 70 4.72 -12.01 -33.09
C LEU A 70 4.46 -10.74 -33.88
N ASP A 71 4.14 -9.66 -33.19
CA ASP A 71 3.99 -8.36 -33.83
C ASP A 71 5.36 -7.82 -34.26
N ALA A 72 5.38 -6.59 -34.73
CA ALA A 72 6.59 -5.96 -35.24
C ALA A 72 7.79 -6.09 -34.29
N ARG A 73 7.69 -5.63 -33.05
CA ARG A 73 8.88 -5.66 -32.19
C ARG A 73 9.42 -7.05 -31.90
N LEU A 74 8.52 -8.02 -31.70
CA LEU A 74 8.95 -9.38 -31.41
C LEU A 74 9.51 -10.05 -32.63
N PHE A 75 8.92 -9.72 -33.78
CA PHE A 75 9.41 -10.26 -35.04
C PHE A 75 10.86 -9.85 -35.24
N HIS A 76 11.09 -8.54 -35.11
CA HIS A 76 12.41 -7.99 -35.36
C HIS A 76 13.42 -8.61 -34.41
N GLN A 77 13.08 -8.68 -33.13
CA GLN A 77 13.99 -9.19 -32.12
C GLN A 77 14.27 -10.66 -32.30
N ALA A 78 13.24 -11.43 -32.66
CA ALA A 78 13.38 -12.84 -32.90
C ALA A 78 14.27 -13.04 -34.14
N PHE A 79 13.97 -12.25 -35.19
CA PHE A 79 14.72 -12.36 -36.41
C PHE A 79 16.21 -12.11 -36.25
N ILE A 80 16.58 -11.07 -35.49
CA ILE A 80 18.00 -10.77 -35.30
C ILE A 80 18.73 -11.94 -34.68
N SER A 81 18.11 -12.54 -33.66
CA SER A 81 18.62 -13.67 -32.86
C SER A 81 18.77 -14.93 -33.76
N PHE A 82 17.66 -15.28 -34.41
CA PHE A 82 17.59 -16.35 -35.41
C PHE A 82 18.66 -16.19 -36.46
N ARG A 83 18.78 -15.00 -37.08
CA ARG A 83 19.79 -14.81 -38.11
C ARG A 83 21.23 -14.92 -37.55
N ASN A 84 21.49 -14.27 -36.41
CA ASN A 84 22.74 -14.52 -35.67
C ASN A 84 22.96 -15.97 -35.30
N TYR A 85 21.85 -16.68 -35.05
CA TYR A 85 21.92 -18.06 -34.63
C TYR A 85 22.44 -18.89 -35.78
N ILE A 86 21.68 -18.84 -36.87
CA ILE A 86 22.02 -19.50 -38.08
C ILE A 86 23.44 -19.16 -38.53
N MET A 87 23.85 -17.89 -38.46
CA MET A 87 25.17 -17.52 -38.99
C MET A 87 26.41 -17.77 -38.11
N GLN A 88 26.32 -17.75 -36.78
CA GLN A 88 27.55 -17.99 -35.99
C GLN A 88 27.65 -19.35 -35.26
N SER A 89 26.65 -20.21 -35.47
CA SER A 89 26.61 -21.52 -34.83
C SER A 89 27.59 -22.50 -35.51
N HIS A 90 28.53 -23.04 -34.75
CA HIS A 90 29.46 -24.04 -35.31
C HIS A 90 28.72 -25.24 -35.95
N SER A 91 27.83 -25.87 -35.18
CA SER A 91 27.00 -26.98 -35.65
C SER A 91 25.48 -26.66 -35.57
N LEU A 92 24.82 -26.51 -36.71
CA LEU A 92 23.37 -26.37 -36.74
C LEU A 92 22.64 -27.71 -36.69
N ASP A 93 21.72 -27.86 -35.73
CA ASP A 93 20.68 -28.89 -35.79
C ASP A 93 20.43 -29.33 -37.25
N VAL A 94 20.45 -30.65 -37.47
CA VAL A 94 20.42 -31.23 -38.82
C VAL A 94 19.20 -30.92 -39.70
N ASP A 95 18.00 -30.91 -39.10
CA ASP A 95 16.76 -30.69 -39.85
C ASP A 95 16.72 -29.31 -40.52
N ILE A 96 17.39 -28.34 -39.89
CA ILE A 96 17.40 -26.95 -40.35
C ILE A 96 18.41 -26.65 -41.49
N HIS A 97 19.58 -27.30 -41.46
CA HIS A 97 20.51 -27.25 -42.61
C HIS A 97 19.72 -27.66 -43.85
N ILE A 98 19.22 -28.89 -43.81
CA ILE A 98 18.43 -29.47 -44.89
C ILE A 98 17.43 -28.48 -45.47
N VAL A 99 16.84 -27.62 -44.65
CA VAL A 99 15.83 -26.71 -45.18
C VAL A 99 16.46 -25.45 -45.82
N LEU A 100 17.63 -25.08 -45.31
CA LEU A 100 18.39 -23.94 -45.83
C LEU A 100 18.90 -24.26 -47.24
N ASN A 101 19.46 -25.44 -47.41
CA ASN A 101 19.88 -25.82 -48.73
C ASN A 101 18.81 -25.73 -49.78
N ASP A 102 17.59 -26.16 -49.45
CA ASP A 102 16.51 -26.14 -50.44
C ASP A 102 16.05 -24.74 -50.91
N ILE A 103 16.06 -23.76 -50.02
CA ILE A 103 15.64 -22.42 -50.45
C ILE A 103 16.76 -21.81 -51.30
N CYS A 104 18.01 -22.18 -50.98
CA CYS A 104 19.16 -21.73 -51.74
C CYS A 104 19.18 -22.40 -53.12
N PHE A 105 19.23 -23.73 -53.14
CA PHE A 105 19.53 -24.51 -54.32
C PHE A 105 18.50 -25.59 -54.63
N GLY A 106 17.23 -25.27 -54.48
CA GLY A 106 16.16 -26.22 -54.76
C GLY A 106 14.85 -25.49 -54.99
N ALA A 107 13.75 -26.22 -54.95
CA ALA A 107 12.43 -25.60 -55.09
C ALA A 107 11.73 -25.55 -53.73
N ALA A 108 12.33 -24.82 -52.80
CA ALA A 108 11.66 -24.53 -51.54
C ALA A 108 11.40 -23.03 -51.43
N HIS A 109 10.30 -22.69 -50.79
CA HIS A 109 9.93 -21.30 -50.58
C HIS A 109 10.43 -20.81 -49.22
N ALA A 110 10.76 -19.51 -49.14
CA ALA A 110 11.15 -18.87 -47.88
C ALA A 110 10.36 -19.46 -46.72
N ASP A 111 9.04 -19.33 -46.82
CA ASP A 111 8.07 -19.91 -45.89
C ASP A 111 8.46 -21.22 -45.21
N ASP A 112 9.23 -22.06 -45.89
CA ASP A 112 9.63 -23.36 -45.33
C ASP A 112 10.57 -23.20 -44.14
N LEU A 113 11.03 -21.98 -43.90
CA LEU A 113 11.87 -21.71 -42.73
C LEU A 113 11.05 -21.31 -41.50
N PHE A 114 9.87 -20.78 -41.77
CA PHE A 114 9.07 -20.22 -40.74
C PHE A 114 8.87 -21.15 -39.55
N PRO A 115 8.64 -22.45 -39.77
CA PRO A 115 8.52 -23.24 -38.53
C PRO A 115 9.77 -23.18 -37.62
N PHE A 116 10.98 -23.07 -38.20
CA PHE A 116 12.20 -23.04 -37.42
C PHE A 116 12.38 -21.70 -36.74
N PHE A 117 11.94 -20.66 -37.46
CA PHE A 117 11.97 -19.29 -36.95
C PHE A 117 11.10 -19.20 -35.68
N LEU A 118 9.86 -19.64 -35.82
CA LEU A 118 8.92 -19.74 -34.74
C LEU A 118 9.49 -20.49 -33.53
N ARG A 119 10.17 -21.61 -33.72
CA ARG A 119 10.80 -22.28 -32.56
C ARG A 119 11.79 -21.35 -31.83
N HIS A 120 12.69 -20.73 -32.59
CA HIS A 120 13.62 -19.80 -31.99
C HIS A 120 12.83 -18.73 -31.18
N ALA A 121 11.78 -18.18 -31.81
CA ALA A 121 11.02 -17.06 -31.25
C ALA A 121 10.50 -17.43 -29.87
N LYS A 122 9.88 -18.62 -29.82
CA LYS A 122 9.30 -19.09 -28.59
C LYS A 122 10.33 -19.33 -27.51
N GLN A 123 11.58 -19.64 -27.85
CA GLN A 123 12.62 -19.68 -26.83
C GLN A 123 12.99 -18.28 -26.30
N ILE A 124 12.87 -17.25 -27.12
CA ILE A 124 13.20 -15.90 -26.69
C ILE A 124 12.05 -15.33 -25.89
N PHE A 125 10.85 -15.61 -26.40
CA PHE A 125 9.65 -15.09 -25.86
C PHE A 125 8.70 -16.24 -25.51
N PRO A 126 8.93 -16.92 -24.35
CA PRO A 126 8.08 -18.03 -23.91
C PRO A 126 6.66 -17.65 -23.68
N VAL A 127 6.40 -16.41 -23.35
CA VAL A 127 5.04 -15.95 -23.24
C VAL A 127 4.20 -16.56 -24.35
N LEU A 128 4.73 -16.53 -25.56
CA LEU A 128 4.00 -16.90 -26.77
C LEU A 128 3.46 -18.34 -26.74
N ASP A 129 4.17 -19.24 -26.07
CA ASP A 129 3.66 -20.58 -25.93
C ASP A 129 2.46 -20.73 -24.94
N CYS A 130 2.07 -19.65 -24.28
CA CYS A 130 1.13 -19.78 -23.17
C CYS A 130 0.28 -18.55 -22.84
N LYS A 131 -0.04 -17.74 -23.82
CA LYS A 131 -0.99 -16.66 -23.63
C LYS A 131 -2.33 -17.09 -23.02
N ASP A 132 -2.83 -18.27 -23.36
CA ASP A 132 -4.16 -18.61 -22.88
C ASP A 132 -4.14 -19.01 -21.43
N ASP A 133 -3.20 -19.89 -21.08
CA ASP A 133 -2.87 -20.28 -19.69
C ASP A 133 -2.78 -18.98 -18.85
N LEU A 134 -1.92 -18.07 -19.30
CA LEU A 134 -1.75 -16.83 -18.62
C LEU A 134 -3.06 -16.04 -18.40
N ARG A 135 -3.95 -15.99 -19.40
CA ARG A 135 -5.26 -15.38 -19.22
C ARG A 135 -6.07 -16.10 -18.15
N LYS A 136 -6.20 -17.40 -18.23
CA LYS A 136 -7.08 -18.07 -17.28
C LYS A 136 -6.62 -17.81 -15.81
N ILE A 137 -5.31 -17.89 -15.57
CA ILE A 137 -4.74 -17.65 -14.24
C ILE A 137 -4.99 -16.20 -13.69
N SER A 138 -5.05 -15.20 -14.60
CA SER A 138 -5.27 -13.82 -14.22
C SER A 138 -6.69 -13.34 -14.45
N ASP A 139 -7.61 -14.28 -14.68
CA ASP A 139 -9.04 -13.97 -14.74
C ASP A 139 -9.54 -13.66 -13.33
N LEU A 140 -9.69 -12.36 -13.03
CA LEU A 140 -10.17 -11.93 -11.74
C LEU A 140 -11.63 -11.51 -11.79
N ARG A 141 -12.45 -12.23 -12.55
CA ARG A 141 -13.87 -11.90 -12.63
C ARG A 141 -14.69 -12.65 -11.58
N ILE A 142 -15.82 -12.04 -11.15
CA ILE A 142 -16.68 -12.49 -10.05
C ILE A 142 -15.88 -12.83 -8.80
N PRO A 143 -15.23 -11.82 -8.25
CA PRO A 143 -14.52 -11.95 -7.00
C PRO A 143 -15.34 -12.61 -5.84
N PRO A 144 -16.68 -12.33 -5.74
CA PRO A 144 -17.41 -12.98 -4.62
C PRO A 144 -17.23 -14.52 -4.56
N ASN A 145 -16.96 -15.13 -5.73
CA ASN A 145 -16.80 -16.57 -5.78
C ASN A 145 -15.53 -17.03 -5.13
N TRP A 146 -14.60 -16.10 -4.85
CA TRP A 146 -13.38 -16.43 -4.17
C TRP A 146 -13.62 -16.75 -2.71
N TYR A 147 -14.84 -16.50 -2.25
CA TYR A 147 -15.18 -16.60 -0.84
C TYR A 147 -16.40 -17.49 -0.59
N PRO A 148 -16.27 -18.82 -0.90
CA PRO A 148 -17.42 -19.72 -0.74
C PRO A 148 -18.01 -19.73 0.71
N ASP A 149 -17.19 -19.69 1.74
CA ASP A 149 -17.77 -19.62 3.07
C ASP A 149 -18.77 -18.47 3.26
N ALA A 150 -18.45 -17.28 2.75
CA ALA A 150 -19.35 -16.17 2.90
C ALA A 150 -20.50 -16.34 1.98
N ARG A 151 -20.28 -16.95 0.81
CA ARG A 151 -21.37 -17.21 -0.13
C ARG A 151 -22.39 -18.21 0.42
N ALA A 152 -21.94 -19.04 1.37
CA ALA A 152 -22.71 -20.15 1.89
C ALA A 152 -23.65 -19.73 3.00
N MET A 153 -23.54 -18.48 3.45
CA MET A 153 -24.36 -18.01 4.58
C MET A 153 -25.15 -16.74 4.26
N GLN A 154 -26.18 -16.47 5.05
CA GLN A 154 -26.89 -15.22 4.93
C GLN A 154 -26.04 -14.15 5.56
N ARG A 155 -25.87 -13.03 4.86
CA ARG A 155 -25.14 -11.87 5.38
C ARG A 155 -25.98 -10.68 5.04
N LYS A 156 -26.23 -9.83 6.04
CA LYS A 156 -27.00 -8.67 5.79
C LYS A 156 -26.10 -7.40 5.86
N ILE A 157 -26.22 -6.47 4.92
CA ILE A 157 -25.33 -5.32 4.97
C ILE A 157 -25.96 -4.05 5.52
N ILE A 158 -25.27 -3.39 6.43
CA ILE A 158 -25.72 -2.14 7.02
C ILE A 158 -24.66 -1.06 6.75
N PHE A 159 -24.92 -0.19 5.79
CA PHE A 159 -24.04 0.96 5.55
C PHE A 159 -24.47 2.15 6.44
N HIS A 160 -23.58 2.55 7.35
CA HIS A 160 -23.74 3.73 8.19
C HIS A 160 -23.05 4.94 7.56
N SER A 161 -23.79 5.64 6.71
CA SER A 161 -23.25 6.73 5.92
C SER A 161 -23.34 8.08 6.62
N GLY A 162 -22.27 8.87 6.56
CA GLY A 162 -22.24 10.19 7.15
C GLY A 162 -20.89 10.85 6.88
N PRO A 163 -20.79 12.16 7.05
CA PRO A 163 -19.48 12.78 6.83
C PRO A 163 -18.55 12.50 8.02
N THR A 164 -17.28 12.85 7.87
CA THR A 164 -16.29 12.49 8.90
C THR A 164 -16.72 13.18 10.17
N ASN A 165 -16.84 12.41 11.26
CA ASN A 165 -17.23 12.98 12.54
C ASN A 165 -18.76 13.23 12.62
N SER A 166 -19.55 12.18 12.37
CA SER A 166 -20.99 12.25 12.51
C SER A 166 -21.52 11.17 13.44
N GLY A 167 -20.68 10.71 14.37
CA GLY A 167 -21.05 9.60 15.24
C GLY A 167 -21.53 8.38 14.45
N LYS A 168 -20.94 8.16 13.28
CA LYS A 168 -21.45 7.12 12.39
C LYS A 168 -20.97 5.74 12.80
N THR A 169 -19.82 5.71 13.44
CA THR A 169 -19.20 4.52 13.99
C THR A 169 -19.87 4.06 15.28
N TYR A 170 -20.34 5.02 16.06
CA TYR A 170 -20.72 4.79 17.43
C TYR A 170 -21.70 3.65 17.57
N HIS A 171 -22.75 3.64 16.77
CA HIS A 171 -23.79 2.60 16.87
C HIS A 171 -23.24 1.24 16.48
N ALA A 172 -22.43 1.24 15.42
CA ALA A 172 -21.79 0.03 14.89
C ALA A 172 -20.96 -0.66 15.96
N ILE A 173 -20.20 0.14 16.71
CA ILE A 173 -19.32 -0.38 17.73
C ILE A 173 -20.14 -1.05 18.82
N GLN A 174 -21.19 -0.40 19.28
CA GLN A 174 -21.94 -1.01 20.35
C GLN A 174 -22.49 -2.34 19.91
N LYS A 175 -23.00 -2.41 18.68
CA LYS A 175 -23.68 -3.63 18.20
C LYS A 175 -22.69 -4.78 18.21
N TYR A 176 -21.44 -4.43 17.91
CA TYR A 176 -20.30 -5.31 17.94
C TYR A 176 -19.90 -5.74 19.36
N PHE A 177 -19.78 -4.77 20.28
CA PHE A 177 -19.62 -5.07 21.72
C PHE A 177 -20.66 -6.05 22.29
N SER A 178 -21.93 -5.90 21.93
CA SER A 178 -22.99 -6.77 22.47
C SER A 178 -23.28 -8.07 21.67
N ALA A 179 -22.70 -8.19 20.47
CA ALA A 179 -22.76 -9.44 19.74
C ALA A 179 -21.97 -10.53 20.49
N LYS A 180 -22.38 -11.78 20.30
CA LYS A 180 -21.69 -12.91 20.91
C LYS A 180 -20.27 -13.02 20.38
N SER A 181 -20.08 -12.59 19.14
CA SER A 181 -18.77 -12.54 18.49
C SER A 181 -18.75 -11.53 17.34
N GLY A 182 -17.58 -10.96 17.09
CA GLY A 182 -17.47 -9.92 16.08
C GLY A 182 -16.05 -9.54 15.70
N VAL A 183 -15.91 -8.78 14.61
CA VAL A 183 -14.60 -8.33 14.22
C VAL A 183 -14.65 -6.89 13.80
N TYR A 184 -13.64 -6.14 14.24
CA TYR A 184 -13.49 -4.79 13.83
C TYR A 184 -12.30 -4.65 12.85
N CYS A 185 -12.61 -4.22 11.64
CA CYS A 185 -11.61 -4.03 10.62
C CYS A 185 -11.33 -2.58 10.59
N GLY A 186 -10.08 -2.20 10.84
CA GLY A 186 -9.70 -0.82 10.78
C GLY A 186 -8.74 -0.45 9.68
N PRO A 187 -8.84 0.80 9.24
CA PRO A 187 -7.95 1.37 8.26
C PRO A 187 -6.57 1.63 8.80
N LEU A 188 -6.36 1.58 10.11
CA LEU A 188 -5.06 1.99 10.70
C LEU A 188 -4.71 1.20 11.92
N LYS A 189 -3.43 0.94 12.12
CA LYS A 189 -2.97 0.31 13.33
C LYS A 189 -3.59 1.01 14.54
N LEU A 190 -3.58 2.35 14.52
CA LEU A 190 -4.18 3.20 15.55
C LEU A 190 -5.57 2.78 15.92
N LEU A 191 -6.45 2.65 14.92
CA LEU A 191 -7.85 2.36 15.17
C LEU A 191 -8.07 0.95 15.60
N ALA A 192 -7.18 0.06 15.18
CA ALA A 192 -7.26 -1.31 15.59
C ALA A 192 -6.86 -1.37 17.05
N HIS A 193 -5.92 -0.50 17.44
CA HIS A 193 -5.53 -0.37 18.84
C HIS A 193 -6.59 0.25 19.74
N GLU A 194 -7.17 1.37 19.31
CA GLU A 194 -8.26 2.01 20.04
C GLU A 194 -9.40 1.06 20.36
N ILE A 195 -9.88 0.30 19.39
CA ILE A 195 -11.03 -0.58 19.64
C ILE A 195 -10.69 -1.77 20.54
N PHE A 196 -9.54 -2.41 20.27
CA PHE A 196 -8.91 -3.33 21.24
C PHE A 196 -8.90 -2.75 22.66
N GLU A 197 -8.42 -1.53 22.82
CA GLU A 197 -8.41 -0.96 24.14
C GLU A 197 -9.85 -0.68 24.62
N LYS A 198 -10.70 -0.06 23.80
CA LYS A 198 -12.06 0.25 24.24
C LYS A 198 -12.90 -0.99 24.51
N SER A 199 -12.70 -2.04 23.75
CA SER A 199 -13.50 -3.26 23.93
C SER A 199 -13.22 -3.98 25.23
N ASN A 200 -11.94 -4.16 25.56
CA ASN A 200 -11.56 -4.87 26.77
C ASN A 200 -12.01 -4.06 27.98
N ALA A 201 -11.77 -2.75 27.93
CA ALA A 201 -12.29 -1.79 28.94
C ALA A 201 -13.80 -1.84 29.05
N ALA A 202 -14.49 -2.19 27.97
CA ALA A 202 -15.93 -2.34 28.08
C ALA A 202 -16.26 -3.73 28.63
N GLY A 203 -15.22 -4.44 29.07
CA GLY A 203 -15.39 -5.77 29.63
C GLY A 203 -15.82 -6.79 28.60
N VAL A 204 -15.50 -6.53 27.33
CA VAL A 204 -15.71 -7.49 26.26
C VAL A 204 -14.35 -7.93 25.73
N PRO A 205 -13.86 -9.08 26.23
CA PRO A 205 -12.56 -9.64 25.87
C PRO A 205 -12.39 -9.63 24.38
N CYS A 206 -11.29 -9.02 23.94
CA CYS A 206 -11.03 -8.82 22.53
C CYS A 206 -9.55 -9.00 22.20
N ASP A 207 -9.24 -9.91 21.28
CA ASP A 207 -7.87 -10.04 20.71
C ASP A 207 -7.51 -8.93 19.72
N LEU A 208 -6.19 -8.65 19.62
CA LEU A 208 -5.63 -7.67 18.66
C LEU A 208 -4.96 -8.46 17.59
N VAL A 209 -5.22 -8.11 16.34
CA VAL A 209 -4.46 -8.71 15.27
C VAL A 209 -4.05 -7.66 14.28
N THR A 210 -2.77 -7.31 14.26
CA THR A 210 -2.22 -6.51 13.16
C THR A 210 -1.02 -7.26 12.55
N GLY A 211 -0.47 -6.70 11.47
CA GLY A 211 0.70 -7.27 10.80
C GLY A 211 1.90 -7.41 11.71
N GLU A 212 2.15 -6.37 12.50
CA GLU A 212 3.33 -6.28 13.38
C GLU A 212 3.13 -6.82 14.80
N GLU A 213 1.87 -7.05 15.20
CA GLU A 213 1.54 -7.27 16.61
C GLU A 213 0.29 -8.13 16.66
N ARG A 214 0.35 -9.14 17.51
CA ARG A 214 -0.73 -10.13 17.69
C ARG A 214 -0.87 -10.41 19.20
N VAL A 215 -1.91 -9.84 19.82
CA VAL A 215 -2.10 -9.98 21.26
C VAL A 215 -3.31 -10.84 21.56
N THR A 216 -3.10 -11.91 22.33
CA THR A 216 -4.16 -12.78 22.88
C THR A 216 -4.46 -12.39 24.32
N VAL A 217 -5.72 -12.10 24.64
CA VAL A 217 -6.05 -11.61 25.99
C VAL A 217 -6.36 -12.72 27.02
N GLN A 218 -6.98 -13.81 26.55
CA GLN A 218 -7.26 -15.02 27.35
C GLN A 218 -6.08 -15.67 28.08
N PRO A 219 -6.30 -16.03 29.38
CA PRO A 219 -5.29 -16.64 30.26
C PRO A 219 -4.65 -17.88 29.64
N ASN A 220 -5.45 -18.88 29.28
CA ASN A 220 -4.86 -20.13 28.77
C ASN A 220 -4.10 -19.91 27.45
N GLY A 221 -4.70 -19.15 26.54
CA GLY A 221 -4.13 -18.92 25.22
C GLY A 221 -5.10 -19.46 24.18
N LYS A 222 -6.35 -19.04 24.28
CA LYS A 222 -7.37 -19.35 23.28
C LYS A 222 -7.85 -18.05 22.64
N GLN A 223 -8.55 -18.15 21.52
CA GLN A 223 -9.03 -16.98 20.81
C GLN A 223 -10.26 -16.36 21.48
N ALA A 224 -10.22 -15.07 21.81
CA ALA A 224 -11.44 -14.37 22.24
C ALA A 224 -12.47 -14.36 21.09
N SER A 225 -13.72 -14.02 21.37
CA SER A 225 -14.74 -14.07 20.33
C SER A 225 -14.95 -12.72 19.66
N HIS A 226 -14.16 -11.75 20.15
CA HIS A 226 -14.02 -10.45 19.52
C HIS A 226 -12.57 -10.24 19.14
N VAL A 227 -12.38 -9.65 17.99
CA VAL A 227 -11.06 -9.40 17.51
C VAL A 227 -11.16 -8.05 16.89
N SER A 228 -10.12 -7.24 17.06
CA SER A 228 -10.01 -5.97 16.38
C SER A 228 -8.74 -6.06 15.57
N CYS A 229 -8.78 -5.66 14.30
CA CYS A 229 -7.62 -5.83 13.43
C CYS A 229 -7.55 -4.75 12.41
N THR A 230 -6.38 -4.54 11.82
CA THR A 230 -6.30 -3.70 10.64
C THR A 230 -6.88 -4.57 9.56
N VAL A 231 -7.59 -3.94 8.64
CA VAL A 231 -8.38 -4.64 7.63
C VAL A 231 -7.59 -5.69 6.83
N GLU A 232 -6.36 -5.39 6.45
CA GLU A 232 -5.55 -6.36 5.75
C GLU A 232 -5.50 -7.73 6.40
N MET A 233 -5.76 -7.81 7.70
CA MET A 233 -5.44 -9.02 8.45
C MET A 233 -6.64 -9.83 8.91
N CYS A 234 -7.84 -9.52 8.43
CA CYS A 234 -8.96 -10.22 9.02
C CYS A 234 -9.18 -11.61 8.41
N SER A 235 -9.77 -12.53 9.17
CA SER A 235 -10.01 -13.87 8.67
C SER A 235 -11.26 -13.90 7.86
N VAL A 236 -11.22 -14.50 6.68
CA VAL A 236 -12.48 -14.71 5.95
C VAL A 236 -12.96 -16.16 6.06
N THR A 237 -12.40 -16.91 7.01
CA THR A 237 -12.90 -18.24 7.34
C THR A 237 -13.23 -18.46 8.82
N THR A 238 -13.39 -17.39 9.59
CA THR A 238 -13.99 -17.46 10.93
C THR A 238 -15.43 -16.94 10.91
N PRO A 239 -16.36 -17.63 11.61
CA PRO A 239 -17.72 -17.11 11.84
C PRO A 239 -17.78 -15.90 12.80
N TYR A 240 -18.63 -14.93 12.47
CA TYR A 240 -18.87 -13.79 13.34
C TYR A 240 -20.31 -13.42 13.29
N GLU A 241 -20.84 -13.20 14.46
CA GLU A 241 -22.19 -12.71 14.62
C GLU A 241 -22.22 -11.30 14.01
N VAL A 242 -21.25 -10.44 14.39
CA VAL A 242 -21.18 -9.09 13.80
C VAL A 242 -19.81 -8.71 13.27
N ALA A 243 -19.76 -7.95 12.18
CA ALA A 243 -18.48 -7.41 11.70
C ALA A 243 -18.62 -5.94 11.38
N VAL A 244 -17.58 -5.17 11.67
CA VAL A 244 -17.66 -3.79 11.39
C VAL A 244 -16.52 -3.47 10.46
N ILE A 245 -16.79 -2.91 9.29
CA ILE A 245 -15.70 -2.50 8.42
C ILE A 245 -15.68 -1.00 8.40
N ASP A 246 -14.61 -0.39 8.88
CA ASP A 246 -14.61 1.05 9.08
C ASP A 246 -13.98 1.75 7.89
N GLU A 247 -14.49 2.94 7.58
CA GLU A 247 -13.98 3.74 6.49
C GLU A 247 -14.05 3.02 5.15
N ILE A 248 -15.24 2.56 4.80
CA ILE A 248 -15.43 1.73 3.64
C ILE A 248 -15.18 2.43 2.32
N GLN A 249 -15.23 3.76 2.26
CA GLN A 249 -14.86 4.46 1.01
C GLN A 249 -13.38 4.22 0.61
N MET A 250 -12.58 3.68 1.52
CA MET A 250 -11.22 3.38 1.17
C MET A 250 -11.08 2.23 0.18
N ILE A 251 -12.18 1.51 -0.02
CA ILE A 251 -12.22 0.43 -0.99
C ILE A 251 -11.69 0.91 -2.36
N ARG A 252 -11.53 2.21 -2.51
CA ARG A 252 -11.15 2.74 -3.81
C ARG A 252 -9.73 3.26 -3.81
N ASP A 253 -9.04 3.11 -2.69
CA ASP A 253 -7.67 3.55 -2.56
C ASP A 253 -6.78 2.78 -3.53
N PRO A 254 -6.01 3.47 -4.39
CA PRO A 254 -5.28 2.73 -5.45
C PRO A 254 -4.38 1.61 -4.93
N ALA A 255 -3.82 1.78 -3.73
CA ALA A 255 -2.82 0.87 -3.23
C ALA A 255 -3.45 -0.18 -2.32
N ARG A 256 -4.27 0.28 -1.38
CA ARG A 256 -4.82 -0.53 -0.30
C ARG A 256 -6.25 -1.10 -0.48
N GLY A 257 -6.97 -0.58 -1.47
CA GLY A 257 -8.35 -0.95 -1.73
C GLY A 257 -8.63 -2.44 -1.64
N TRP A 258 -7.79 -3.29 -2.23
CA TRP A 258 -8.02 -4.76 -2.27
C TRP A 258 -8.43 -5.33 -0.92
N ALA A 259 -7.93 -4.74 0.16
CA ALA A 259 -8.22 -5.23 1.49
C ALA A 259 -9.65 -4.99 1.93
N TRP A 260 -10.19 -3.80 1.66
CA TRP A 260 -11.61 -3.58 1.95
C TRP A 260 -12.50 -4.48 1.13
N THR A 261 -12.10 -4.75 -0.13
CA THR A 261 -12.93 -5.57 -0.99
C THR A 261 -12.94 -6.97 -0.45
N ARG A 262 -11.80 -7.42 0.09
CA ARG A 262 -11.73 -8.78 0.61
C ARG A 262 -12.65 -8.86 1.80
N ALA A 263 -12.54 -7.92 2.74
CA ALA A 263 -13.36 -7.89 3.96
C ALA A 263 -14.84 -7.83 3.63
N LEU A 264 -15.21 -6.92 2.73
CA LEU A 264 -16.61 -6.76 2.34
C LEU A 264 -17.20 -8.05 1.73
N LEU A 265 -16.47 -8.64 0.79
CA LEU A 265 -16.97 -9.80 0.02
C LEU A 265 -16.88 -11.08 0.80
N GLY A 266 -15.99 -11.12 1.79
CA GLY A 266 -15.55 -12.40 2.33
C GLY A 266 -15.79 -12.68 3.81
N LEU A 267 -16.11 -11.66 4.61
CA LEU A 267 -16.32 -11.87 6.02
C LEU A 267 -17.54 -12.72 6.29
N CYS A 268 -17.38 -13.80 7.04
CA CYS A 268 -18.50 -14.66 7.40
C CYS A 268 -19.22 -14.11 8.62
N ALA A 269 -19.78 -12.91 8.50
CA ALA A 269 -20.45 -12.24 9.60
C ALA A 269 -21.90 -12.28 9.32
N GLU A 270 -22.74 -12.24 10.36
CA GLU A 270 -24.16 -12.36 10.10
C GLU A 270 -24.72 -10.99 9.73
N GLU A 271 -24.05 -9.95 10.21
CA GLU A 271 -24.39 -8.60 9.81
C GLU A 271 -23.13 -7.83 9.54
N VAL A 272 -22.96 -7.38 8.32
CA VAL A 272 -21.76 -6.66 8.02
C VAL A 272 -22.15 -5.21 8.13
N HIS A 273 -21.57 -4.50 9.11
CA HIS A 273 -21.78 -3.08 9.30
C HIS A 273 -20.62 -2.31 8.72
N LEU A 274 -20.86 -1.52 7.69
CA LEU A 274 -19.86 -0.61 7.13
C LEU A 274 -20.06 0.83 7.64
N CYS A 275 -18.98 1.62 7.73
CA CYS A 275 -19.11 3.03 8.10
C CYS A 275 -18.24 3.84 7.19
N GLY A 276 -18.85 4.79 6.48
CA GLY A 276 -18.10 5.57 5.50
C GLY A 276 -18.91 6.69 4.91
N GLU A 277 -18.37 7.30 3.86
CA GLU A 277 -18.97 8.45 3.23
C GLU A 277 -20.05 8.03 2.22
N PRO A 278 -21.05 8.89 1.99
CA PRO A 278 -22.07 8.56 1.03
C PRO A 278 -21.54 8.23 -0.34
N ALA A 279 -20.36 8.74 -0.69
CA ALA A 279 -19.87 8.56 -2.05
C ALA A 279 -19.63 7.10 -2.32
N ALA A 280 -19.45 6.34 -1.26
CA ALA A 280 -19.27 4.89 -1.31
C ALA A 280 -20.55 4.00 -1.44
N ILE A 281 -21.74 4.57 -1.17
CA ILE A 281 -23.00 3.81 -1.20
C ILE A 281 -23.31 3.13 -2.54
N ASP A 282 -23.10 3.82 -3.65
CA ASP A 282 -23.41 3.23 -4.96
C ASP A 282 -22.62 1.96 -5.25
N LEU A 283 -21.28 2.06 -5.21
CA LEU A 283 -20.42 0.91 -5.41
C LEU A 283 -20.84 -0.23 -4.49
N VAL A 284 -21.00 0.04 -3.20
CA VAL A 284 -21.41 -1.04 -2.31
C VAL A 284 -22.71 -1.72 -2.78
N MET A 285 -23.70 -0.94 -3.20
CA MET A 285 -24.95 -1.48 -3.79
C MET A 285 -24.71 -2.37 -5.05
N GLU A 286 -23.92 -1.89 -6.02
CA GLU A 286 -23.53 -2.70 -7.20
C GLU A 286 -22.88 -4.00 -6.72
N LEU A 287 -21.96 -3.90 -5.74
CA LEU A 287 -21.27 -5.10 -5.24
C LEU A 287 -22.22 -6.12 -4.63
N MET A 288 -23.05 -5.67 -3.69
CA MET A 288 -23.96 -6.53 -2.98
C MET A 288 -25.02 -7.12 -3.91
N TYR A 289 -25.21 -6.50 -5.06
CA TYR A 289 -26.20 -6.97 -5.98
C TYR A 289 -25.69 -8.28 -6.56
N THR A 290 -24.39 -8.33 -6.84
CA THR A 290 -23.81 -9.50 -7.46
C THR A 290 -23.73 -10.62 -6.41
N THR A 291 -23.67 -10.27 -5.12
CA THR A 291 -23.74 -11.28 -4.05
C THR A 291 -25.16 -11.54 -3.59
N GLY A 292 -26.09 -10.69 -4.07
CA GLY A 292 -27.50 -10.79 -3.71
C GLY A 292 -27.78 -10.66 -2.23
N GLU A 293 -26.98 -9.84 -1.54
CA GLU A 293 -27.22 -9.58 -0.15
C GLU A 293 -28.00 -8.26 0.05
N GLU A 294 -28.86 -8.25 1.07
CA GLU A 294 -29.69 -7.09 1.43
C GLU A 294 -28.81 -5.93 1.99
N VAL A 295 -29.07 -4.69 1.59
CA VAL A 295 -28.34 -3.52 2.14
C VAL A 295 -29.30 -2.52 2.73
N GLU A 296 -28.97 -2.05 3.93
CA GLU A 296 -29.73 -1.01 4.61
C GLU A 296 -28.86 0.22 4.87
N VAL A 297 -29.18 1.34 4.22
CA VAL A 297 -28.46 2.60 4.48
C VAL A 297 -29.05 3.29 5.70
N ARG A 298 -28.20 3.83 6.56
CA ARG A 298 -28.60 4.60 7.72
C ARG A 298 -27.84 5.92 7.72
N ASP A 299 -28.54 7.06 7.66
CA ASP A 299 -27.86 8.38 7.50
C ASP A 299 -27.47 9.10 8.82
N TYR A 300 -26.26 9.66 8.84
CA TYR A 300 -25.75 10.39 9.99
C TYR A 300 -25.30 11.77 9.55
N LYS A 301 -25.81 12.81 10.22
CA LYS A 301 -25.50 14.21 9.92
C LYS A 301 -24.41 14.69 10.85
N ARG A 302 -23.70 15.75 10.48
CA ARG A 302 -22.56 16.19 11.29
C ARG A 302 -22.94 16.66 12.72
N LEU A 303 -22.11 16.28 13.69
CA LEU A 303 -22.42 16.42 15.13
C LEU A 303 -22.83 17.84 15.56
N THR A 304 -21.89 18.78 15.37
CA THR A 304 -22.11 20.23 15.38
C THR A 304 -21.64 20.74 14.00
N PRO A 305 -22.43 21.62 13.35
CA PRO A 305 -22.20 22.11 11.95
C PRO A 305 -20.84 22.77 11.61
N ILE A 306 -20.66 23.08 10.33
CA ILE A 306 -19.32 23.33 9.77
C ILE A 306 -19.12 24.75 9.21
N SER A 307 -18.78 25.71 10.08
CA SER A 307 -18.72 27.08 9.59
C SER A 307 -17.36 27.44 8.99
N VAL A 308 -17.38 27.70 7.69
CA VAL A 308 -16.22 28.15 6.94
C VAL A 308 -16.00 29.65 7.17
N LEU A 309 -14.85 30.01 7.72
CA LEU A 309 -14.64 31.40 8.14
C LEU A 309 -14.65 32.45 7.01
N ASP A 310 -14.29 33.67 7.41
CA ASP A 310 -14.38 34.88 6.62
C ASP A 310 -13.04 35.63 6.69
N HIS A 311 -12.39 35.55 7.86
CA HIS A 311 -11.05 36.10 8.10
C HIS A 311 -10.03 34.95 8.15
N ALA A 312 -9.08 34.93 7.20
CA ALA A 312 -7.87 34.09 7.28
C ALA A 312 -7.17 34.23 8.64
N LEU A 313 -6.14 33.47 8.88
CA LEU A 313 -5.40 33.65 10.12
C LEU A 313 -4.52 34.91 10.00
N GLU A 314 -4.14 35.25 8.76
CA GLU A 314 -3.35 36.44 8.39
C GLU A 314 -1.96 36.41 9.03
N SER A 315 -1.95 36.29 10.35
CA SER A 315 -0.73 36.28 11.16
C SER A 315 -0.94 35.47 12.43
N LEU A 316 0.13 34.86 12.92
CA LEU A 316 0.05 34.06 14.13
C LEU A 316 -0.34 34.90 15.35
N ASP A 317 -0.22 36.23 15.22
CA ASP A 317 -0.75 37.18 16.18
C ASP A 317 -2.24 37.02 16.41
N ASN A 318 -2.79 35.86 16.06
CA ASN A 318 -4.21 35.58 16.23
C ASN A 318 -4.38 34.16 16.64
N LEU A 319 -3.24 33.49 16.79
CA LEU A 319 -3.25 32.13 17.33
C LEU A 319 -3.96 32.14 18.67
N ARG A 320 -4.78 31.13 18.85
CA ARG A 320 -5.77 31.13 19.88
C ARG A 320 -5.88 29.71 20.41
N PRO A 321 -6.00 29.54 21.74
CA PRO A 321 -6.15 28.15 22.19
C PRO A 321 -7.20 27.38 21.40
N GLY A 322 -6.87 26.15 21.00
CA GLY A 322 -7.75 25.30 20.18
C GLY A 322 -7.44 25.31 18.68
N ASP A 323 -6.41 26.04 18.28
CA ASP A 323 -6.04 26.09 16.87
C ASP A 323 -5.21 24.89 16.41
N CYS A 324 -5.48 24.48 15.17
CA CYS A 324 -4.70 23.45 14.53
C CYS A 324 -4.25 23.94 13.16
N ILE A 325 -2.95 24.11 12.97
CA ILE A 325 -2.44 24.53 11.68
C ILE A 325 -1.97 23.31 10.92
N VAL A 326 -2.64 23.02 9.82
CA VAL A 326 -2.37 21.81 9.09
C VAL A 326 -1.35 22.10 8.00
N CYS A 327 -0.27 21.32 8.01
CA CYS A 327 0.82 21.45 7.02
C CYS A 327 0.95 20.26 6.08
N PHE A 328 1.59 20.48 4.95
CA PHE A 328 1.67 19.45 3.94
C PHE A 328 3.09 19.14 3.57
N SER A 329 4.01 19.59 4.41
CA SER A 329 5.42 19.20 4.33
C SER A 329 5.97 19.36 5.72
N LYS A 330 6.94 18.53 6.05
CA LYS A 330 7.60 18.63 7.34
C LYS A 330 8.36 19.98 7.53
N ASN A 331 9.15 20.40 6.53
CA ASN A 331 9.70 21.76 6.54
C ASN A 331 8.75 22.80 7.11
N ASP A 332 7.51 22.77 6.67
CA ASP A 332 6.47 23.62 7.21
C ASP A 332 6.22 23.33 8.70
N ILE A 333 6.12 22.06 9.07
CA ILE A 333 5.92 21.69 10.49
C ILE A 333 7.00 22.34 11.38
N TYR A 334 8.26 22.11 11.05
CA TYR A 334 9.34 22.75 11.79
C TYR A 334 9.34 24.28 11.70
N SER A 335 8.89 24.84 10.57
CA SER A 335 8.85 26.29 10.41
C SER A 335 7.78 26.94 11.27
N VAL A 336 6.56 26.42 11.20
CA VAL A 336 5.49 27.02 11.97
C VAL A 336 5.73 26.87 13.46
N SER A 337 6.22 25.71 13.88
CA SER A 337 6.41 25.45 15.31
C SER A 337 7.52 26.34 15.89
N ARG A 338 8.54 26.61 15.08
CA ARG A 338 9.65 27.50 15.44
C ARG A 338 9.08 28.84 15.81
N GLN A 339 8.47 29.49 14.82
CA GLN A 339 7.78 30.75 14.99
C GLN A 339 6.92 30.80 16.28
N ILE A 340 6.13 29.75 16.52
CA ILE A 340 5.27 29.71 17.72
C ILE A 340 6.07 29.79 19.02
N GLU A 341 7.25 29.18 19.01
CA GLU A 341 8.12 29.22 20.18
C GLU A 341 8.78 30.60 20.34
N ILE A 342 9.20 31.22 19.24
CA ILE A 342 9.83 32.55 19.34
C ILE A 342 8.82 33.58 19.81
N ARG A 343 7.53 33.28 19.64
CA ARG A 343 6.46 34.18 20.08
C ARG A 343 5.93 33.81 21.47
N GLY A 344 6.74 33.11 22.27
CA GLY A 344 6.39 32.78 23.65
C GLY A 344 5.19 31.87 23.89
N LEU A 345 4.72 31.20 22.84
CA LEU A 345 3.53 30.33 22.92
C LEU A 345 3.90 28.86 22.83
N GLU A 346 3.13 28.01 23.52
CA GLU A 346 3.49 26.60 23.63
C GLU A 346 2.65 25.73 22.67
N SER A 347 3.31 24.73 22.05
CA SER A 347 2.65 23.92 20.99
C SER A 347 2.93 22.40 20.96
N ALA A 348 2.01 21.66 20.32
CA ALA A 348 2.14 20.21 20.10
C ALA A 348 2.39 19.91 18.62
N VAL A 349 3.19 18.89 18.35
CA VAL A 349 3.41 18.46 16.97
C VAL A 349 3.02 17.02 16.69
N ILE A 350 2.42 16.82 15.51
CA ILE A 350 1.91 15.50 15.06
C ILE A 350 2.07 15.28 13.55
N TYR A 351 2.95 14.36 13.19
CA TYR A 351 3.06 13.92 11.81
C TYR A 351 3.08 12.38 11.78
N GLY A 352 2.73 11.81 10.61
CA GLY A 352 2.46 10.38 10.47
C GLY A 352 3.51 9.40 11.00
N SER A 353 4.79 9.69 10.76
CA SER A 353 5.81 8.73 11.05
C SER A 353 6.26 8.79 12.51
N LEU A 354 5.61 9.58 13.34
CA LEU A 354 5.95 9.54 14.75
C LEU A 354 5.48 8.18 15.28
N PRO A 355 6.25 7.57 16.18
CA PRO A 355 5.78 6.31 16.76
C PRO A 355 4.41 6.48 17.42
N PRO A 356 3.66 5.37 17.56
CA PRO A 356 2.33 5.40 18.17
C PRO A 356 2.28 6.13 19.51
N GLY A 357 3.14 5.73 20.45
CA GLY A 357 3.15 6.28 21.80
C GLY A 357 3.30 7.78 21.83
N THR A 358 4.28 8.28 21.08
CA THR A 358 4.54 9.71 20.93
C THR A 358 3.35 10.48 20.39
N LYS A 359 2.69 9.95 19.36
CA LYS A 359 1.52 10.60 18.74
C LYS A 359 0.47 10.78 19.81
N LEU A 360 0.24 9.70 20.55
CA LEU A 360 -0.79 9.68 21.56
C LEU A 360 -0.47 10.69 22.63
N ALA A 361 0.76 10.65 23.13
CA ALA A 361 1.24 11.58 24.14
C ALA A 361 1.10 13.04 23.68
N GLN A 362 1.55 13.35 22.44
CA GLN A 362 1.35 14.70 21.83
C GLN A 362 -0.11 15.15 21.75
N ALA A 363 -1.01 14.26 21.36
CA ALA A 363 -2.43 14.59 21.40
C ALA A 363 -2.97 14.75 22.84
N LYS A 364 -2.54 13.90 23.76
CA LYS A 364 -3.00 13.93 25.15
C LYS A 364 -2.71 15.28 25.86
N LYS A 365 -1.63 15.93 25.47
CA LYS A 365 -1.24 17.27 25.92
C LYS A 365 -2.13 18.33 25.29
N PHE A 366 -2.26 18.29 23.96
CA PHE A 366 -3.10 19.25 23.22
C PHE A 366 -4.56 19.14 23.64
N ASN A 367 -4.95 17.96 24.12
CA ASN A 367 -6.30 17.72 24.56
C ASN A 367 -6.57 18.09 26.02
N ASP A 368 -5.56 17.93 26.86
CA ASP A 368 -5.62 18.19 28.30
C ASP A 368 -6.11 19.61 28.61
N PRO A 369 -7.15 19.73 29.46
CA PRO A 369 -7.61 21.06 29.88
C PRO A 369 -6.63 21.82 30.82
N ASN A 370 -5.98 21.11 31.75
CA ASN A 370 -4.95 21.70 32.65
C ASN A 370 -3.55 21.86 32.03
N ASP A 371 -3.48 22.04 30.70
CA ASP A 371 -2.21 22.12 30.00
C ASP A 371 -2.24 23.31 29.06
N PRO A 372 -1.32 24.29 29.27
CA PRO A 372 -1.14 25.53 28.49
C PRO A 372 -0.86 25.30 26.99
N CYS A 373 -0.40 24.11 26.65
CA CYS A 373 -0.17 23.71 25.26
C CYS A 373 -1.52 23.64 24.52
N LYS A 374 -1.76 24.55 23.57
CA LYS A 374 -3.09 24.61 22.96
C LYS A 374 -3.09 24.90 21.46
N ILE A 375 -1.90 24.90 20.90
CA ILE A 375 -1.74 25.00 19.48
C ILE A 375 -1.15 23.66 19.04
N LEU A 376 -1.77 23.11 18.00
CA LEU A 376 -1.29 21.88 17.40
C LEU A 376 -0.89 22.26 16.03
N VAL A 377 0.34 21.87 15.68
CA VAL A 377 0.82 21.98 14.33
C VAL A 377 0.90 20.56 13.80
N ALA A 378 0.21 20.29 12.69
CA ALA A 378 0.03 18.92 12.23
C ALA A 378 -0.08 18.81 10.73
N THR A 379 0.20 17.62 10.22
CA THR A 379 -0.02 17.22 8.82
C THR A 379 -1.40 16.60 8.61
N ASP A 380 -1.69 16.14 7.39
CA ASP A 380 -2.98 15.52 7.12
C ASP A 380 -3.09 14.17 7.81
N ALA A 381 -2.04 13.82 8.55
CA ALA A 381 -2.07 12.63 9.36
C ALA A 381 -3.25 12.67 10.32
N ILE A 382 -3.75 13.86 10.63
CA ILE A 382 -4.85 13.97 11.60
C ILE A 382 -6.22 13.68 11.03
N GLY A 383 -6.38 13.80 9.73
CA GLY A 383 -7.68 13.56 9.15
C GLY A 383 -8.25 12.19 9.49
N MET A 384 -7.48 11.37 10.20
CA MET A 384 -7.95 10.04 10.56
C MET A 384 -7.09 9.38 11.62
N GLY A 385 -7.72 8.93 12.70
CA GLY A 385 -7.07 8.04 13.68
C GLY A 385 -6.89 8.52 15.12
N LEU A 386 -7.09 9.80 15.36
CA LEU A 386 -6.81 10.33 16.67
C LEU A 386 -7.97 11.10 17.29
N ASN A 387 -8.17 10.91 18.58
CA ASN A 387 -9.09 11.79 19.31
C ASN A 387 -8.45 13.16 19.56
N LEU A 388 -8.87 14.16 18.78
CA LEU A 388 -8.32 15.51 18.89
C LEU A 388 -9.40 16.53 19.05
N SER A 389 -9.31 17.32 20.12
CA SER A 389 -10.24 18.42 20.39
C SER A 389 -9.69 19.72 19.82
N ILE A 390 -10.09 19.98 18.58
CA ILE A 390 -9.66 21.12 17.80
C ILE A 390 -10.81 22.14 17.66
N ARG A 391 -10.53 23.42 17.86
CA ARG A 391 -11.56 24.41 17.63
C ARG A 391 -11.52 24.95 16.19
N ARG A 392 -10.34 25.27 15.72
CA ARG A 392 -10.25 25.82 14.40
C ARG A 392 -9.13 25.13 13.64
N ILE A 393 -9.42 24.83 12.37
CA ILE A 393 -8.46 24.24 11.50
C ILE A 393 -7.97 25.37 10.65
N ILE A 394 -6.63 25.48 10.56
CA ILE A 394 -5.96 26.44 9.68
C ILE A 394 -5.07 25.69 8.70
N PHE A 395 -5.53 25.66 7.46
CA PHE A 395 -4.76 25.12 6.36
C PHE A 395 -3.62 26.05 6.12
N TYR A 396 -2.40 25.58 6.35
CA TYR A 396 -1.23 26.43 6.13
C TYR A 396 -1.07 26.76 4.65
N SER A 397 -1.26 25.77 3.80
CA SER A 397 -1.42 26.06 2.39
C SER A 397 -2.48 25.10 1.86
N LEU A 398 -2.59 25.01 0.53
CA LEU A 398 -3.58 24.17 -0.09
C LEU A 398 -2.99 23.29 -1.20
N ILE A 399 -1.70 22.98 -1.11
CA ILE A 399 -1.03 22.22 -2.16
C ILE A 399 -0.16 21.03 -1.67
N LYS A 400 -0.22 19.90 -2.36
CA LYS A 400 0.55 18.69 -2.02
C LYS A 400 1.62 18.34 -3.08
N GLU A 412 -0.28 20.28 -7.18
CA GLU A 412 -1.73 20.00 -7.16
C GLU A 412 -2.44 20.50 -5.89
N PRO A 413 -3.62 21.12 -6.05
CA PRO A 413 -4.45 21.48 -4.89
C PRO A 413 -5.05 20.24 -4.19
N ILE A 414 -5.66 20.42 -3.04
CA ILE A 414 -6.10 19.28 -2.24
C ILE A 414 -7.56 18.96 -2.54
N THR A 415 -7.85 17.69 -2.81
CA THR A 415 -9.20 17.31 -3.24
C THR A 415 -10.24 17.69 -2.20
N THR A 416 -11.45 17.97 -2.65
CA THR A 416 -12.61 18.11 -1.80
C THR A 416 -12.63 17.08 -0.68
N SER A 417 -12.60 15.80 -1.03
CA SER A 417 -12.55 14.75 0.00
C SER A 417 -11.48 15.06 1.02
N GLN A 418 -10.27 15.30 0.52
CA GLN A 418 -9.14 15.59 1.38
C GLN A 418 -9.42 16.74 2.36
N ALA A 419 -9.93 17.85 1.83
CA ALA A 419 -10.19 19.04 2.61
C ALA A 419 -11.33 18.81 3.61
N LEU A 420 -12.40 18.16 3.14
CA LEU A 420 -13.57 17.90 3.96
C LEU A 420 -13.17 17.01 5.10
N GLN A 421 -12.37 15.99 4.80
CA GLN A 421 -11.88 15.08 5.83
C GLN A 421 -11.22 15.87 6.96
N ILE A 422 -10.43 16.87 6.57
CA ILE A 422 -9.60 17.58 7.52
C ILE A 422 -10.42 18.65 8.23
N ALA A 423 -11.03 19.54 7.45
CA ALA A 423 -11.94 20.53 8.01
C ALA A 423 -12.73 19.89 9.15
N GLY A 424 -13.27 18.70 8.87
CA GLY A 424 -14.25 18.03 9.73
C GLY A 424 -13.78 17.68 11.10
N ARG A 425 -12.52 17.98 11.41
CA ARG A 425 -11.95 17.71 12.73
C ARG A 425 -12.27 18.74 13.82
N ALA A 426 -12.50 19.99 13.41
CA ALA A 426 -12.92 21.05 14.33
C ALA A 426 -14.21 20.67 15.08
N GLY A 427 -14.20 20.69 16.42
CA GLY A 427 -15.17 19.94 17.23
C GLY A 427 -15.72 20.52 18.52
N ARG A 428 -14.92 20.52 19.58
CA ARG A 428 -15.40 21.01 20.90
C ARG A 428 -14.52 22.07 21.60
N PHE A 429 -14.50 22.06 22.94
CA PHE A 429 -14.12 23.24 23.74
C PHE A 429 -15.39 23.88 24.42
N SER A 430 -16.44 23.05 24.59
CA SER A 430 -17.86 23.44 24.76
C SER A 430 -18.26 24.34 25.95
N SER A 431 -17.61 25.48 26.02
CA SER A 431 -18.14 26.59 26.77
C SER A 431 -18.28 27.67 25.70
N ARG A 432 -19.45 27.64 25.04
CA ARG A 432 -19.75 28.55 23.92
C ARG A 432 -18.72 28.47 22.77
N PHE A 433 -17.68 27.66 22.94
CA PHE A 433 -16.89 27.28 21.78
C PHE A 433 -17.12 25.81 21.49
N LYS A 434 -18.38 25.42 21.35
CA LYS A 434 -18.72 24.22 20.60
C LYS A 434 -18.69 24.71 19.15
N GLU A 435 -19.05 23.88 18.17
CA GLU A 435 -18.96 24.33 16.77
C GLU A 435 -17.52 24.42 16.30
N GLY A 436 -17.32 24.20 15.01
CA GLY A 436 -15.96 24.15 14.47
C GLY A 436 -15.74 25.17 13.39
N GLU A 437 -14.49 25.59 13.22
CA GLU A 437 -14.15 26.59 12.21
C GLU A 437 -13.00 26.17 11.33
N VAL A 438 -13.04 26.67 10.10
CA VAL A 438 -12.01 26.41 9.11
C VAL A 438 -11.62 27.69 8.38
N THR A 439 -10.31 27.82 8.13
CA THR A 439 -9.76 28.96 7.45
C THR A 439 -8.42 28.58 6.86
N THR A 440 -7.97 29.37 5.89
CA THR A 440 -6.61 29.21 5.38
C THR A 440 -5.65 30.06 6.19
N MET A 441 -4.37 30.03 5.83
CA MET A 441 -3.38 30.85 6.50
C MET A 441 -3.41 32.25 5.92
N ASN A 442 -3.43 32.33 4.59
CA ASN A 442 -3.29 33.60 3.89
C ASN A 442 -4.60 34.09 3.33
N HIS A 443 -4.61 35.31 2.77
CA HIS A 443 -5.76 35.77 2.01
C HIS A 443 -5.87 35.14 0.59
N GLU A 444 -4.76 35.06 -0.17
CA GLU A 444 -4.84 34.46 -1.53
C GLU A 444 -5.61 33.14 -1.55
N ASP A 445 -5.45 32.38 -0.46
CA ASP A 445 -5.91 31.00 -0.38
C ASP A 445 -7.37 30.81 0.03
N LEU A 446 -7.93 31.79 0.75
CA LEU A 446 -9.21 31.58 1.42
C LEU A 446 -10.38 31.32 0.50
N SER A 447 -10.51 32.10 -0.58
CA SER A 447 -11.66 31.95 -1.49
C SER A 447 -11.62 30.60 -2.21
N LEU A 448 -10.41 30.14 -2.51
CA LEU A 448 -10.18 28.79 -3.02
C LEU A 448 -10.67 27.71 -2.03
N LEU A 449 -10.23 27.76 -0.77
CA LEU A 449 -10.77 26.83 0.21
C LEU A 449 -12.30 26.83 0.15
N LYS A 450 -12.90 28.00 0.07
CA LYS A 450 -14.34 28.04 -0.06
C LYS A 450 -14.79 27.30 -1.32
N GLU A 451 -14.16 27.58 -2.46
CA GLU A 451 -14.53 26.93 -3.71
C GLU A 451 -14.44 25.42 -3.58
N ILE A 452 -13.39 24.93 -2.91
CA ILE A 452 -13.19 23.48 -2.73
C ILE A 452 -14.30 22.85 -1.88
N LEU A 453 -14.43 23.29 -0.62
CA LEU A 453 -15.34 22.69 0.35
C LEU A 453 -16.80 22.50 0.00
N LYS A 454 -17.29 23.29 -0.97
CA LYS A 454 -18.69 23.21 -1.40
C LYS A 454 -18.85 22.63 -2.80
N ARG A 455 -17.72 22.24 -3.41
CA ARG A 455 -17.71 21.37 -4.60
C ARG A 455 -18.28 19.97 -4.28
N PRO A 456 -19.19 19.48 -5.14
CA PRO A 456 -19.74 18.12 -4.98
C PRO A 456 -18.69 17.05 -5.21
N VAL A 457 -18.80 15.95 -4.44
CA VAL A 457 -17.86 14.81 -4.51
C VAL A 457 -18.27 13.78 -5.58
N ASP A 458 -17.37 13.43 -6.51
CA ASP A 458 -17.62 12.33 -7.47
C ASP A 458 -17.88 11.00 -6.71
N PRO A 459 -19.00 10.30 -6.98
CA PRO A 459 -19.14 8.94 -6.38
C PRO A 459 -17.98 8.00 -6.78
N ILE A 460 -17.70 6.97 -5.98
CA ILE A 460 -16.56 6.11 -6.27
C ILE A 460 -17.03 5.02 -7.24
N ARG A 461 -16.20 4.70 -8.23
CA ARG A 461 -16.69 3.86 -9.31
C ARG A 461 -16.37 2.40 -9.22
N ALA A 462 -15.24 2.02 -8.61
CA ALA A 462 -14.77 0.64 -8.59
C ALA A 462 -14.00 0.31 -7.33
N ALA A 463 -14.06 -0.95 -6.89
CA ALA A 463 -13.24 -1.48 -5.81
C ALA A 463 -11.96 -2.20 -6.28
N GLY A 464 -10.89 -2.07 -5.50
CA GLY A 464 -9.60 -2.64 -5.85
C GLY A 464 -9.43 -4.13 -5.60
N LEU A 465 -8.59 -4.76 -6.43
CA LEU A 465 -8.22 -6.14 -6.25
C LEU A 465 -6.71 -6.22 -6.28
N HIS A 466 -6.10 -7.34 -5.94
CA HIS A 466 -4.70 -7.50 -6.26
C HIS A 466 -4.29 -8.93 -6.61
N PRO A 467 -3.12 -9.13 -7.22
CA PRO A 467 -2.57 -10.49 -7.43
C PRO A 467 -2.51 -11.29 -6.13
N THR A 468 -2.80 -12.58 -6.16
CA THR A 468 -2.51 -13.36 -4.97
C THR A 468 -1.15 -14.03 -5.17
N ALA A 469 -0.48 -14.34 -4.06
CA ALA A 469 0.77 -15.11 -4.11
C ALA A 469 0.66 -16.35 -5.02
N GLU A 470 -0.51 -16.99 -5.05
CA GLU A 470 -0.58 -18.29 -5.71
C GLU A 470 -0.67 -18.03 -7.22
N GLN A 471 -1.46 -17.03 -7.59
CA GLN A 471 -1.48 -16.60 -8.96
C GLN A 471 -0.10 -16.29 -9.48
N ILE A 472 0.67 -15.45 -8.77
CA ILE A 472 2.03 -15.12 -9.22
C ILE A 472 2.89 -16.37 -9.19
N GLU A 473 2.74 -17.20 -8.16
CA GLU A 473 3.51 -18.44 -8.17
C GLU A 473 3.30 -19.26 -9.48
N MET A 474 2.04 -19.40 -9.92
CA MET A 474 1.69 -20.01 -11.22
C MET A 474 2.34 -19.30 -12.42
N PHE A 475 2.28 -17.98 -12.46
CA PHE A 475 2.93 -17.29 -13.56
C PHE A 475 4.40 -17.66 -13.58
N ALA A 476 4.97 -17.76 -12.37
CA ALA A 476 6.40 -17.97 -12.24
C ALA A 476 6.72 -19.35 -12.76
N TYR A 477 5.83 -20.32 -12.59
CA TYR A 477 6.03 -21.60 -13.28
C TYR A 477 6.05 -21.47 -14.82
N HIS A 478 5.22 -20.61 -15.38
CA HIS A 478 5.09 -20.49 -16.81
C HIS A 478 6.23 -19.70 -17.41
N LEU A 479 6.77 -18.74 -16.64
CA LEU A 479 7.84 -17.84 -17.12
C LEU A 479 9.01 -17.81 -16.15
N PRO A 480 9.62 -18.96 -15.86
CA PRO A 480 10.67 -19.09 -14.84
C PRO A 480 11.85 -18.12 -14.95
N ASP A 481 12.07 -17.55 -16.15
CA ASP A 481 13.17 -16.61 -16.38
C ASP A 481 12.81 -15.14 -16.28
N ALA A 482 11.53 -14.81 -16.06
CA ALA A 482 11.13 -13.44 -15.78
C ALA A 482 11.36 -13.07 -14.30
N THR A 483 11.77 -11.83 -14.06
CA THR A 483 11.98 -11.35 -12.73
C THR A 483 10.61 -11.11 -12.12
N LEU A 484 10.56 -11.04 -10.77
CA LEU A 484 9.28 -10.89 -10.10
C LEU A 484 8.65 -9.57 -10.53
N SER A 485 9.47 -8.54 -10.59
CA SER A 485 8.87 -7.28 -10.85
C SER A 485 8.22 -7.27 -12.23
N ASN A 486 8.83 -8.02 -13.15
CA ASN A 486 8.35 -8.08 -14.53
C ASN A 486 7.10 -8.93 -14.59
N LEU A 487 7.11 -10.04 -13.84
CA LEU A 487 5.90 -10.84 -13.72
C LEU A 487 4.73 -10.03 -13.24
N ILE A 488 4.91 -9.13 -12.25
CA ILE A 488 3.74 -8.34 -11.80
C ILE A 488 3.20 -7.54 -12.96
N ASP A 489 4.06 -6.81 -13.67
CA ASP A 489 3.61 -6.13 -14.87
C ASP A 489 2.85 -7.05 -15.85
N ILE A 490 3.39 -8.25 -16.12
CA ILE A 490 2.74 -9.09 -17.13
C ILE A 490 1.39 -9.60 -16.64
N PHE A 491 1.37 -10.06 -15.39
CA PHE A 491 0.14 -10.43 -14.75
C PHE A 491 -0.85 -9.32 -14.89
N VAL A 492 -0.50 -8.12 -14.44
CA VAL A 492 -1.44 -7.01 -14.57
C VAL A 492 -1.91 -6.81 -15.99
N ASP A 493 -1.01 -6.88 -16.98
CA ASP A 493 -1.43 -6.68 -18.39
C ASP A 493 -2.43 -7.75 -18.84
N PHE A 494 -2.23 -9.00 -18.41
CA PHE A 494 -3.09 -10.09 -18.82
C PHE A 494 -4.37 -10.14 -18.00
N SER A 495 -4.45 -9.42 -16.89
CA SER A 495 -5.61 -9.58 -16.00
C SER A 495 -6.88 -9.00 -16.59
N GLN A 496 -8.03 -9.57 -16.20
CA GLN A 496 -9.36 -9.15 -16.59
C GLN A 496 -10.19 -9.01 -15.34
N VAL A 497 -10.93 -7.90 -15.23
CA VAL A 497 -11.76 -7.59 -14.09
C VAL A 497 -13.15 -7.16 -14.59
N ASP A 498 -14.22 -7.51 -13.87
CA ASP A 498 -15.52 -6.90 -14.13
C ASP A 498 -15.43 -5.39 -13.90
N GLY A 499 -16.43 -4.67 -14.43
CA GLY A 499 -16.41 -3.20 -14.56
C GLY A 499 -16.46 -2.49 -13.23
N GLN A 500 -17.00 -3.13 -12.20
CA GLN A 500 -16.97 -2.52 -10.86
C GLN A 500 -15.68 -2.71 -10.05
N TYR A 501 -14.61 -3.21 -10.67
CA TYR A 501 -13.37 -3.44 -9.97
C TYR A 501 -12.17 -2.90 -10.74
N PHE A 502 -11.01 -2.83 -10.10
CA PHE A 502 -9.74 -2.45 -10.75
C PHE A 502 -8.57 -3.09 -9.97
N VAL A 503 -7.49 -3.41 -10.67
CA VAL A 503 -6.30 -3.98 -10.02
C VAL A 503 -5.42 -2.94 -9.34
N CYS A 504 -5.16 -3.12 -8.05
CA CYS A 504 -4.42 -2.15 -7.25
C CYS A 504 -3.01 -1.84 -7.77
N ASN A 505 -2.53 -0.62 -7.51
CA ASN A 505 -1.12 -0.25 -7.72
C ASN A 505 -0.17 -1.26 -7.03
N MET A 506 0.99 -1.50 -7.62
CA MET A 506 1.93 -2.48 -7.08
C MET A 506 3.34 -1.91 -7.06
N ASP A 507 3.46 -0.59 -7.19
CA ASP A 507 4.73 0.09 -7.26
C ASP A 507 5.64 -0.26 -6.08
N ASP A 508 5.10 -0.17 -4.87
CA ASP A 508 5.80 -0.57 -3.67
C ASP A 508 6.39 -1.94 -3.71
N PHE A 509 5.58 -2.91 -4.16
CA PHE A 509 5.95 -4.30 -4.18
C PHE A 509 7.04 -4.44 -5.22
N LYS A 510 6.80 -3.97 -6.44
CA LYS A 510 7.81 -3.91 -7.45
C LYS A 510 9.10 -3.25 -6.98
N PHE A 511 9.02 -2.24 -6.11
CA PHE A 511 10.24 -1.63 -5.56
C PHE A 511 11.06 -2.59 -4.73
N SER A 512 10.39 -3.38 -3.93
CA SER A 512 11.10 -4.29 -3.09
C SER A 512 11.64 -5.41 -3.96
N ALA A 513 10.85 -5.86 -4.92
CA ALA A 513 11.33 -6.88 -5.80
C ALA A 513 12.63 -6.41 -6.47
N GLU A 514 12.74 -5.13 -6.82
CA GLU A 514 13.93 -4.70 -7.51
C GLU A 514 15.11 -4.65 -6.55
N LEU A 515 14.81 -4.26 -5.32
CA LEU A 515 15.80 -4.18 -4.30
C LEU A 515 16.41 -5.53 -3.98
N ILE A 516 15.69 -6.60 -4.22
CA ILE A 516 16.20 -7.85 -3.70
C ILE A 516 16.36 -8.94 -4.74
N GLN A 517 16.38 -8.55 -6.02
CA GLN A 517 16.46 -9.52 -7.10
C GLN A 517 17.67 -10.38 -6.98
N HIS A 518 18.78 -9.83 -6.48
CA HIS A 518 20.07 -10.53 -6.43
C HIS A 518 20.26 -11.48 -5.27
N ILE A 519 19.23 -11.66 -4.43
CA ILE A 519 19.28 -12.55 -3.26
C ILE A 519 18.48 -13.80 -3.56
N PRO A 520 19.04 -14.98 -3.26
CA PRO A 520 18.37 -16.20 -3.71
C PRO A 520 17.28 -16.65 -2.75
N LEU A 521 16.06 -16.69 -3.27
CA LEU A 521 14.90 -17.03 -2.49
C LEU A 521 13.86 -17.61 -3.40
N SER A 522 13.14 -18.61 -2.92
CA SER A 522 12.02 -19.19 -3.66
C SER A 522 10.94 -18.14 -3.84
N LEU A 523 10.12 -18.33 -4.87
CA LEU A 523 9.12 -17.33 -5.14
C LEU A 523 8.23 -17.04 -3.94
N ARG A 524 7.76 -18.09 -3.27
CA ARG A 524 6.92 -17.87 -2.09
C ARG A 524 7.62 -16.92 -1.14
N VAL A 525 8.87 -17.21 -0.77
CA VAL A 525 9.56 -16.36 0.20
C VAL A 525 9.76 -14.92 -0.30
N ARG A 526 10.35 -14.79 -1.49
CA ARG A 526 10.44 -13.49 -2.15
C ARG A 526 9.08 -12.78 -2.13
N TYR A 527 8.01 -13.49 -2.42
CA TYR A 527 6.74 -12.78 -2.51
C TYR A 527 6.41 -12.11 -1.17
N VAL A 528 6.62 -12.83 -0.08
CA VAL A 528 6.28 -12.35 1.26
C VAL A 528 7.18 -11.17 1.61
N PHE A 529 8.48 -11.28 1.32
CA PHE A 529 9.39 -10.18 1.61
C PHE A 529 8.98 -8.94 0.88
N CYS A 530 8.47 -9.05 -0.34
CA CYS A 530 8.06 -7.90 -1.08
C CYS A 530 6.74 -7.32 -0.61
N THR A 531 6.01 -8.04 0.22
CA THR A 531 4.79 -7.42 0.64
C THR A 531 4.97 -6.80 2.02
N ALA A 532 6.13 -6.99 2.65
CA ALA A 532 6.42 -6.31 3.94
C ALA A 532 6.24 -4.84 3.74
N PRO A 533 5.59 -4.16 4.68
CA PRO A 533 5.36 -2.73 4.43
C PRO A 533 6.57 -2.00 4.98
N ILE A 534 7.28 -1.31 4.09
CA ILE A 534 8.44 -0.49 4.42
C ILE A 534 8.20 0.87 3.84
N ASN A 535 8.98 1.86 4.26
CA ASN A 535 8.92 3.17 3.61
C ASN A 535 10.12 3.43 2.68
N LYS A 536 9.90 3.19 1.39
CA LYS A 536 10.99 3.17 0.42
C LYS A 536 11.88 4.39 0.58
N LYS A 537 11.31 5.52 0.96
CA LYS A 537 12.07 6.75 0.93
C LYS A 537 13.12 6.83 2.03
N GLN A 538 13.37 5.72 2.74
CA GLN A 538 14.37 5.70 3.84
C GLN A 538 15.54 4.72 3.67
N PRO A 539 16.75 5.24 3.42
CA PRO A 539 17.85 4.36 3.04
C PRO A 539 18.12 3.23 4.02
N PHE A 540 17.97 3.50 5.31
CA PHE A 540 18.26 2.48 6.31
C PHE A 540 17.23 1.36 6.23
N VAL A 541 15.99 1.70 5.92
CA VAL A 541 14.97 0.71 5.93
C VAL A 541 15.30 -0.23 4.79
N CYS A 542 15.59 0.33 3.61
CA CYS A 542 16.03 -0.44 2.46
C CYS A 542 17.24 -1.31 2.76
N SER A 543 18.28 -0.74 3.33
CA SER A 543 19.47 -1.53 3.70
C SER A 543 19.12 -2.70 4.56
N SER A 544 18.13 -2.51 5.42
CA SER A 544 17.73 -3.54 6.36
C SER A 544 16.90 -4.61 5.68
N LEU A 545 16.02 -4.23 4.76
CA LEU A 545 15.32 -5.22 3.97
C LEU A 545 16.34 -6.16 3.31
N LEU A 546 17.38 -5.59 2.72
CA LEU A 546 18.45 -6.36 2.12
C LEU A 546 19.08 -7.29 3.14
N GLN A 547 19.48 -6.72 4.28
CA GLN A 547 20.23 -7.49 5.27
C GLN A 547 19.39 -8.67 5.81
N PHE A 548 18.12 -8.40 6.17
CA PHE A 548 17.19 -9.42 6.58
C PHE A 548 17.01 -10.51 5.50
N ALA A 549 16.76 -10.11 4.25
CA ALA A 549 16.60 -11.09 3.20
C ALA A 549 17.89 -11.91 2.97
N ARG A 550 19.06 -11.28 3.09
CA ARG A 550 20.31 -12.01 2.88
C ARG A 550 20.47 -13.05 3.96
N GLN A 551 20.21 -12.66 5.18
CA GLN A 551 20.45 -13.52 6.31
C GLN A 551 19.49 -14.68 6.23
N TYR A 552 18.25 -14.40 5.84
CA TYR A 552 17.24 -15.45 5.65
C TYR A 552 17.78 -16.46 4.64
N SER A 553 18.06 -16.00 3.43
CA SER A 553 18.54 -16.88 2.35
C SER A 553 19.71 -17.72 2.79
N ARG A 554 20.43 -17.25 3.78
CA ARG A 554 21.57 -17.97 4.29
C ARG A 554 21.19 -18.73 5.53
N ASN A 555 19.94 -19.08 5.67
CA ASN A 555 19.52 -19.79 6.88
C ASN A 555 20.31 -19.41 8.15
N GLU A 556 20.33 -18.12 8.48
CA GLU A 556 21.10 -17.66 9.60
C GLU A 556 20.25 -16.70 10.41
N PRO A 557 19.60 -17.19 11.49
CA PRO A 557 18.58 -16.41 12.21
C PRO A 557 19.02 -15.00 12.64
N LEU A 558 18.07 -14.08 12.68
CA LEU A 558 18.31 -12.72 13.06
C LEU A 558 17.96 -12.64 14.55
N THR A 559 18.98 -12.83 15.38
CA THR A 559 18.78 -12.87 16.83
C THR A 559 18.66 -11.47 17.44
N PHE A 560 18.19 -11.43 18.69
CA PHE A 560 18.09 -10.21 19.44
C PHE A 560 19.48 -9.57 19.46
N ALA A 561 20.49 -10.41 19.65
CA ALA A 561 21.87 -9.96 19.84
C ALA A 561 22.36 -9.32 18.55
N TRP A 562 22.01 -9.96 17.44
CA TRP A 562 22.42 -9.56 16.10
C TRP A 562 21.93 -8.13 15.74
N LEU A 563 20.65 -7.91 16.03
CA LEU A 563 19.96 -6.69 15.68
C LEU A 563 20.46 -5.54 16.54
N ARG A 564 20.86 -5.87 17.76
CA ARG A 564 21.33 -4.86 18.67
C ARG A 564 22.70 -4.36 18.21
N ARG A 565 23.52 -5.27 17.69
CA ARG A 565 24.81 -4.87 17.10
C ARG A 565 24.53 -4.05 15.84
N TYR A 566 23.63 -4.55 14.99
CA TYR A 566 23.32 -3.94 13.69
C TYR A 566 22.67 -2.56 13.75
N ILE A 567 21.86 -2.27 14.76
CA ILE A 567 21.30 -0.91 14.83
C ILE A 567 22.23 0.04 15.55
N LYS A 568 23.31 -0.52 16.11
CA LYS A 568 24.33 0.21 16.89
C LYS A 568 23.73 0.73 18.19
N TRP A 569 23.17 -0.18 18.97
CA TRP A 569 22.54 0.10 20.26
C TRP A 569 23.55 -0.02 21.40
N PRO A 570 23.50 0.92 22.37
CA PRO A 570 22.41 1.83 22.73
C PRO A 570 22.37 3.13 21.93
N LEU A 571 21.22 3.79 22.00
CA LEU A 571 20.99 4.98 21.21
C LEU A 571 20.75 6.19 22.11
N LEU A 572 21.30 7.32 21.68
CA LEU A 572 21.33 8.49 22.53
C LEU A 572 20.15 9.37 22.19
N PRO A 573 19.79 10.26 23.13
CA PRO A 573 18.82 11.28 22.77
C PRO A 573 19.20 12.02 21.47
N PRO A 574 18.19 12.45 20.71
CA PRO A 574 18.54 13.19 19.52
C PRO A 574 19.10 14.57 19.89
N LYS A 575 19.93 15.11 19.00
CA LYS A 575 20.45 16.46 19.17
C LYS A 575 19.76 17.44 18.20
N ASN A 576 19.20 16.92 17.12
CA ASN A 576 18.67 17.77 16.05
C ASN A 576 17.78 16.90 15.21
N ILE A 577 17.12 17.49 14.23
CA ILE A 577 16.21 16.76 13.36
C ILE A 577 16.80 15.52 12.67
N LYS A 578 17.95 15.64 12.03
CA LYS A 578 18.58 14.45 11.45
C LYS A 578 18.54 13.32 12.47
N ASP A 579 18.79 13.63 13.74
CA ASP A 579 18.82 12.58 14.78
C ASP A 579 17.47 11.89 15.03
N LEU A 580 16.40 12.67 14.95
CA LEU A 580 15.04 12.16 15.09
C LEU A 580 14.67 11.26 13.89
N MET A 581 14.93 11.75 12.68
CA MET A 581 14.65 11.00 11.48
C MET A 581 15.38 9.67 11.53
N ASP A 582 16.62 9.71 12.00
CA ASP A 582 17.38 8.49 12.11
C ASP A 582 16.77 7.56 13.16
N LEU A 583 16.11 8.10 14.17
CA LEU A 583 15.61 7.25 15.23
C LEU A 583 14.29 6.65 14.81
N GLU A 584 13.47 7.47 14.12
CA GLU A 584 12.25 7.02 13.45
C GLU A 584 12.55 5.89 12.46
N ALA A 585 13.55 6.07 11.62
CA ALA A 585 14.05 4.99 10.77
C ALA A 585 14.34 3.69 11.54
N VAL A 586 15.07 3.77 12.63
CA VAL A 586 15.42 2.54 13.33
C VAL A 586 14.15 1.85 13.80
N HIS A 587 13.23 2.66 14.32
CA HIS A 587 11.92 2.23 14.75
C HIS A 587 11.16 1.53 13.63
N ASP A 588 11.19 2.11 12.44
CA ASP A 588 10.65 1.46 11.29
C ASP A 588 11.30 0.15 10.97
N VAL A 589 12.62 0.02 11.16
CA VAL A 589 13.30 -1.26 11.02
C VAL A 589 12.87 -2.30 12.06
N LEU A 590 12.57 -1.88 13.28
CA LEU A 590 12.10 -2.84 14.28
C LEU A 590 10.73 -3.40 13.92
N ASP A 591 9.90 -2.52 13.35
CA ASP A 591 8.58 -2.87 12.89
C ASP A 591 8.69 -3.84 11.73
N LEU A 592 9.71 -3.66 10.89
CA LEU A 592 9.87 -4.53 9.75
C LEU A 592 10.25 -5.89 10.29
N TYR A 593 11.09 -5.92 11.34
CA TYR A 593 11.49 -7.17 11.91
C TYR A 593 10.26 -7.91 12.47
N LEU A 594 9.44 -7.19 13.24
CA LEU A 594 8.31 -7.83 13.90
C LEU A 594 7.34 -8.38 12.87
N TRP A 595 6.98 -7.54 11.88
CA TRP A 595 6.12 -7.96 10.79
C TRP A 595 6.68 -9.24 10.22
N LEU A 596 8.00 -9.33 10.08
CA LEU A 596 8.56 -10.52 9.48
C LEU A 596 8.47 -11.74 10.38
N SER A 597 8.64 -11.51 11.68
CA SER A 597 8.64 -12.58 12.64
C SER A 597 7.33 -13.33 12.63
N TYR A 598 6.25 -12.73 12.16
CA TYR A 598 5.06 -13.54 12.03
C TYR A 598 5.06 -14.48 10.83
N ARG A 599 5.86 -14.21 9.80
CA ARG A 599 5.79 -15.10 8.67
C ARG A 599 6.96 -16.04 8.71
N PHE A 600 8.07 -15.61 9.26
CA PHE A 600 9.26 -16.44 9.24
C PHE A 600 9.83 -16.65 10.63
N MET A 601 9.14 -17.42 11.45
CA MET A 601 9.40 -17.46 12.88
C MET A 601 10.80 -17.93 13.27
N ASP A 602 11.29 -19.04 12.70
CA ASP A 602 12.65 -19.51 13.04
C ASP A 602 13.68 -18.51 12.62
N MET A 603 13.47 -17.90 11.47
CA MET A 603 14.47 -17.00 11.02
C MET A 603 14.42 -15.64 11.72
N PHE A 604 13.28 -15.33 12.36
CA PHE A 604 13.13 -14.08 13.18
C PHE A 604 12.61 -14.34 14.59
N PRO A 605 13.43 -15.03 15.41
CA PRO A 605 12.88 -15.75 16.55
C PRO A 605 12.65 -14.90 17.78
N ASP A 606 13.23 -13.71 17.86
CA ASP A 606 13.19 -13.00 19.14
C ASP A 606 12.30 -11.77 19.11
N ALA A 607 11.04 -11.93 18.70
CA ALA A 607 10.13 -10.77 18.59
C ALA A 607 9.87 -10.08 19.95
N SER A 608 9.47 -10.83 20.98
CA SER A 608 9.22 -10.22 22.28
C SER A 608 10.36 -9.30 22.71
N LEU A 609 11.58 -9.78 22.59
CA LEU A 609 12.73 -8.97 22.93
C LEU A 609 12.80 -7.72 22.06
N ILE A 610 12.63 -7.88 20.75
CA ILE A 610 12.68 -6.74 19.83
C ILE A 610 11.53 -5.77 20.13
N ARG A 611 10.39 -6.28 20.56
CA ARG A 611 9.31 -5.38 20.84
C ARG A 611 9.66 -4.53 22.03
N ASP A 612 10.22 -5.15 23.06
CA ASP A 612 10.66 -4.45 24.26
C ASP A 612 11.66 -3.33 23.91
N LEU A 613 12.73 -3.70 23.24
CA LEU A 613 13.69 -2.73 22.81
C LEU A 613 13.05 -1.60 21.97
N GLN A 614 11.98 -1.89 21.21
CA GLN A 614 11.29 -0.85 20.44
C GLN A 614 10.45 0.12 21.30
N LYS A 615 9.80 -0.40 22.35
CA LYS A 615 9.03 0.44 23.26
C LYS A 615 9.95 1.44 23.99
N GLU A 616 11.15 0.95 24.33
CA GLU A 616 12.26 1.77 24.82
C GLU A 616 12.65 2.87 23.83
N LEU A 617 12.67 2.54 22.54
CA LEU A 617 12.98 3.53 21.47
C LEU A 617 11.89 4.57 21.19
N ASP A 618 10.64 4.11 21.18
CA ASP A 618 9.50 5.02 21.16
C ASP A 618 9.65 5.98 22.34
N GLY A 619 10.02 5.48 23.52
CA GLY A 619 10.33 6.34 24.68
C GLY A 619 11.36 7.46 24.44
N ILE A 620 12.53 7.11 23.92
CA ILE A 620 13.58 8.05 23.55
C ILE A 620 13.03 9.11 22.64
N ILE A 621 12.29 8.68 21.61
CA ILE A 621 11.71 9.59 20.59
C ILE A 621 10.73 10.57 21.23
N GLN A 622 9.84 10.07 22.07
CA GLN A 622 8.90 10.91 22.81
C GLN A 622 9.54 12.13 23.46
N ASP A 623 10.64 11.89 24.19
CA ASP A 623 11.46 12.93 24.80
C ASP A 623 11.97 13.93 23.75
N GLY A 624 12.79 13.44 22.84
CA GLY A 624 13.29 14.26 21.76
C GLY A 624 12.20 14.99 21.01
N VAL A 625 10.96 14.49 21.09
CA VAL A 625 9.82 15.12 20.41
C VAL A 625 9.16 16.15 21.32
N HIS A 626 9.20 15.90 22.61
CA HIS A 626 8.72 16.90 23.54
C HIS A 626 9.60 18.13 23.35
N ASN A 627 10.90 17.89 23.23
CA ASN A 627 11.87 18.95 23.07
C ASN A 627 12.22 19.10 21.61
N ILE A 628 11.18 19.21 20.79
CA ILE A 628 11.36 19.29 19.35
C ILE A 628 11.87 20.66 18.94
N THR A 629 11.38 21.69 19.64
CA THR A 629 11.75 23.08 19.35
C THR A 629 13.27 23.27 19.39
N LYS A 630 13.91 22.62 20.36
CA LYS A 630 15.38 22.62 20.53
C LYS A 630 16.10 21.81 19.45
N LEU A 631 15.46 20.77 18.95
CA LEU A 631 16.02 20.01 17.84
C LEU A 631 15.98 20.87 16.58
N ILE A 632 14.87 21.58 16.37
CA ILE A 632 14.70 22.46 15.21
C ILE A 632 15.73 23.57 15.29
N LYS A 633 15.94 24.10 16.49
CA LYS A 633 17.03 25.04 16.77
C LYS A 633 18.39 24.55 16.31
N MET A 634 18.85 23.40 16.83
CA MET A 634 20.18 22.84 16.53
C MET A 634 20.28 22.39 15.05
N SER A 635 19.12 22.22 14.42
CA SER A 635 19.01 21.99 12.98
C SER A 635 19.12 23.30 12.24
N GLU A 636 18.38 24.32 12.72
CA GLU A 636 18.23 25.62 12.06
C GLU A 636 19.33 26.64 12.39
N THR A 637 20.18 26.35 13.37
CA THR A 637 21.29 27.25 13.73
C THR A 637 22.68 26.68 13.43
N HIS A 638 22.83 25.35 13.55
CA HIS A 638 24.06 24.65 13.19
C HIS A 638 23.95 23.91 11.83
N LYS A 639 22.89 23.13 11.64
CA LYS A 639 22.60 22.47 10.33
C LYS A 639 21.80 23.43 9.44
N LEU A 640 21.64 24.65 9.99
CA LEU A 640 20.85 25.80 9.45
C LEU A 640 19.59 25.53 8.58
N LEU A 641 18.97 24.34 8.78
CA LEU A 641 17.74 23.92 8.10
C LEU A 641 16.69 25.04 7.99
N ASN A 642 16.70 25.72 6.84
CA ASN A 642 15.94 26.95 6.55
C ASN A 642 14.48 26.76 6.11
N LEU A 643 13.62 27.59 6.70
CA LEU A 643 12.17 27.50 6.54
C LEU A 643 11.49 28.89 6.58
N GLU A 644 11.04 29.37 5.41
CA GLU A 644 10.34 30.67 5.30
#